data_5K64
#
_entry.id   5K64
#
_cell.length_a   92.720
_cell.length_b   38.860
_cell.length_c   97.200
_cell.angle_alpha   90.00
_cell.angle_beta   94.23
_cell.angle_gamma   90.00
#
_symmetry.space_group_name_H-M   'P 1 21 1'
#
loop_
_entity.id
_entity.type
_entity.pdbx_description
1 polymer 'Ig gamma-1 chain C region'
2 branched alpha-D-mannopyranose-(1-3)-[alpha-D-mannopyranose-(1-6)]beta-D-mannopyranose-(1-4)-2-acetamido-2-deoxy-beta-D-glucopyranose-(1-4)-2-acetamido-2-deoxy-beta-D-glucopyranose
3 branched 2-acetamido-2-deoxy-beta-D-glucopyranose-(1-2)-alpha-D-mannopyranose-(1-6)-[alpha-D-mannopyranose-(1-3)]beta-D-mannopyranose-(1-4)-2-acetamido-2-deoxy-beta-D-glucopyranose-(1-4)-2-acetamido-2-deoxy-beta-D-glucopyranose
4 non-polymer GLYCEROL
5 non-polymer '2-(N-MORPHOLINO)-ETHANESULFONIC ACID'
6 water water
#
_entity_poly.entity_id   1
_entity_poly.type   'polypeptide(L)'
_entity_poly.pdbx_seq_one_letter_code
;TCPPCPAPELLGGPSVFLFPPKPKDTLMISRTPEVTCVVVDVSHEDPEVKFNWYVDGVEVHNAKTKPREEQYNSTYRVVS
VLTVLHQDWLNGKEYKCKVSNKALPAPIEKTISKAKGQPREPQVYTLPPSRDELRFYQVSLTCLVKGFYPSDIAVEWESN
GQPDIFPNGLNYKTTPPVLDSDGSFFLYSKLTVPYPSWLMGTRFSCSVMHEALHNHYTQKSLSLSPGK
;
_entity_poly.pdbx_strand_id   A,B
#
# COMPACT_ATOMS: atom_id res chain seq x y z
N GLY A 12 1.79 12.41 28.11
CA GLY A 12 1.09 11.26 28.64
C GLY A 12 2.04 10.20 29.18
N GLY A 13 1.93 8.99 28.65
CA GLY A 13 2.72 7.88 29.12
C GLY A 13 2.94 6.84 28.04
N PRO A 14 2.77 5.56 28.36
CA PRO A 14 3.01 4.52 27.35
C PRO A 14 1.90 4.48 26.32
N SER A 15 2.23 3.90 25.16
CA SER A 15 1.29 3.75 24.05
C SER A 15 1.04 2.26 23.80
N VAL A 16 -0.18 1.95 23.38
CA VAL A 16 -0.62 0.57 23.16
C VAL A 16 -1.04 0.42 21.71
N PHE A 17 -0.74 -0.75 21.13
CA PHE A 17 -1.14 -1.08 19.77
C PHE A 17 -1.55 -2.54 19.73
N LEU A 18 -2.70 -2.79 19.10
CA LEU A 18 -3.32 -4.11 19.09
C LEU A 18 -3.45 -4.58 17.65
N PHE A 19 -2.92 -5.77 17.35
CA PHE A 19 -2.84 -6.27 15.99
C PHE A 19 -3.69 -7.52 15.80
N PRO A 20 -4.23 -7.73 14.61
CA PRO A 20 -5.10 -8.89 14.39
C PRO A 20 -4.28 -10.13 14.04
N PRO A 21 -4.90 -11.31 14.03
CA PRO A 21 -4.18 -12.51 13.63
C PRO A 21 -3.86 -12.49 12.14
N LYS A 22 -2.85 -13.26 11.78
CA LYS A 22 -2.48 -13.37 10.38
C LYS A 22 -3.69 -13.89 9.58
N PRO A 23 -3.98 -13.31 8.43
CA PRO A 23 -5.08 -13.85 7.62
C PRO A 23 -4.92 -15.33 7.33
N LYS A 24 -3.71 -15.77 6.99
CA LYS A 24 -3.47 -17.18 6.72
C LYS A 24 -3.72 -18.05 7.95
N ASP A 25 -3.40 -17.55 9.14
CA ASP A 25 -3.56 -18.34 10.36
C ASP A 25 -5.02 -18.64 10.64
N THR A 26 -5.93 -17.70 10.36
CA THR A 26 -7.35 -17.92 10.61
C THR A 26 -8.03 -18.75 9.53
N LEU A 27 -7.35 -19.03 8.43
CA LEU A 27 -7.94 -19.72 7.29
C LEU A 27 -7.48 -21.15 7.14
N MET A 28 -6.27 -21.48 7.58
CA MET A 28 -5.75 -22.84 7.48
C MET A 28 -6.03 -23.62 8.75
N ILE A 29 -6.43 -24.89 8.57
CA ILE A 29 -6.69 -25.77 9.71
C ILE A 29 -5.39 -26.07 10.44
N SER A 30 -4.29 -26.19 9.70
CA SER A 30 -3.01 -26.55 10.31
C SER A 30 -2.49 -25.47 11.26
N ARG A 31 -2.80 -24.20 11.00
CA ARG A 31 -2.22 -23.09 11.73
C ARG A 31 -3.12 -22.66 12.90
N THR A 32 -2.56 -21.80 13.75
CA THR A 32 -3.25 -21.32 14.94
C THR A 32 -3.17 -19.80 15.02
N PRO A 33 -4.29 -19.08 14.90
CA PRO A 33 -4.23 -17.61 14.98
C PRO A 33 -4.10 -17.11 16.40
N GLU A 34 -3.65 -15.85 16.50
CA GLU A 34 -3.44 -15.22 17.80
C GLU A 34 -3.51 -13.71 17.63
N VAL A 35 -4.04 -13.03 18.64
CA VAL A 35 -4.05 -11.56 18.71
C VAL A 35 -2.89 -11.10 19.58
N THR A 36 -2.23 -10.02 19.15
CA THR A 36 -1.02 -9.52 19.78
C THR A 36 -1.23 -8.08 20.25
N CYS A 37 -1.01 -7.84 21.54
CA CYS A 37 -1.16 -6.52 22.15
C CYS A 37 0.23 -6.04 22.59
N VAL A 38 0.75 -5.03 21.90
CA VAL A 38 2.10 -4.53 22.14
C VAL A 38 2.02 -3.28 23.00
N VAL A 39 2.99 -3.11 23.90
CA VAL A 39 3.08 -1.94 24.75
C VAL A 39 4.47 -1.34 24.56
N VAL A 40 4.51 -0.06 24.19
CA VAL A 40 5.76 0.68 24.05
C VAL A 40 5.71 1.89 24.98
N ASP A 41 6.79 2.66 25.01
CA ASP A 41 6.84 3.90 25.80
C ASP A 41 6.62 3.61 27.29
N VAL A 42 7.19 2.51 27.77
CA VAL A 42 7.11 2.13 29.17
C VAL A 42 8.41 2.53 29.87
N SER A 43 8.28 3.10 31.06
CA SER A 43 9.40 3.72 31.76
C SER A 43 10.20 2.70 32.56
N HIS A 44 11.45 3.08 32.87
CA HIS A 44 12.26 2.29 33.80
C HIS A 44 11.78 2.45 35.23
N GLU A 45 11.37 3.67 35.60
CA GLU A 45 10.95 3.91 36.97
C GLU A 45 9.71 3.09 37.34
N ASP A 46 8.85 2.81 36.37
CA ASP A 46 7.62 2.03 36.60
C ASP A 46 7.46 1.04 35.46
N PRO A 47 8.20 -0.07 35.49
CA PRO A 47 8.08 -1.08 34.43
C PRO A 47 7.01 -2.11 34.69
N GLU A 48 5.98 -1.73 35.45
CA GLU A 48 4.92 -2.65 35.84
C GLU A 48 3.76 -2.50 34.87
N VAL A 49 3.39 -3.61 34.21
CA VAL A 49 2.33 -3.62 33.21
C VAL A 49 1.43 -4.82 33.48
N LYS A 50 0.13 -4.63 33.30
CA LYS A 50 -0.84 -5.70 33.47
C LYS A 50 -1.76 -5.73 32.25
N PHE A 51 -2.33 -6.91 32.00
CA PHE A 51 -3.22 -7.11 30.87
C PHE A 51 -4.49 -7.80 31.32
N ASN A 52 -5.62 -7.43 30.69
CA ASN A 52 -6.90 -8.08 30.92
C ASN A 52 -7.61 -8.19 29.59
N TRP A 53 -7.90 -9.42 29.17
CA TRP A 53 -8.45 -9.69 27.85
C TRP A 53 -9.95 -9.98 27.95
N TYR A 54 -10.71 -9.47 26.98
CA TYR A 54 -12.15 -9.64 26.95
C TYR A 54 -12.60 -9.98 25.54
N VAL A 55 -13.26 -11.11 25.38
CA VAL A 55 -13.86 -11.51 24.12
C VAL A 55 -15.33 -11.13 24.19
N ASP A 56 -15.70 -10.05 23.52
CA ASP A 56 -17.07 -9.55 23.52
C ASP A 56 -17.56 -9.32 24.95
N GLY A 57 -16.74 -8.63 25.73
CA GLY A 57 -17.12 -8.27 27.08
C GLY A 57 -17.05 -9.38 28.09
N VAL A 58 -16.38 -10.49 27.78
CA VAL A 58 -16.24 -11.62 28.68
C VAL A 58 -14.74 -11.84 28.89
N GLU A 59 -14.29 -11.67 30.13
CA GLU A 59 -12.87 -11.76 30.41
C GLU A 59 -12.34 -13.16 30.15
N VAL A 60 -11.07 -13.22 29.73
CA VAL A 60 -10.37 -14.49 29.53
C VAL A 60 -8.97 -14.31 30.09
N HIS A 61 -8.41 -15.40 30.62
CA HIS A 61 -7.09 -15.35 31.23
C HIS A 61 -6.21 -16.50 30.71
N ASN A 62 -6.37 -16.84 29.43
CA ASN A 62 -5.48 -17.79 28.78
C ASN A 62 -4.37 -17.11 27.98
N ALA A 63 -4.38 -15.77 27.94
CA ALA A 63 -3.33 -15.04 27.24
C ALA A 63 -1.98 -15.32 27.90
N LYS A 64 -0.91 -14.93 27.20
CA LYS A 64 0.44 -15.19 27.67
C LYS A 64 1.32 -13.99 27.39
N THR A 65 2.02 -13.50 28.42
CA THR A 65 2.90 -12.36 28.30
C THR A 65 4.33 -12.85 28.10
N LYS A 66 4.98 -12.36 27.05
CA LYS A 66 6.35 -12.76 26.78
C LYS A 66 7.33 -11.89 27.57
N PRO A 67 8.56 -12.36 27.74
CA PRO A 67 9.55 -11.57 28.48
C PRO A 67 9.73 -10.19 27.88
N ARG A 68 9.99 -9.22 28.74
CA ARG A 68 10.18 -7.84 28.32
C ARG A 68 11.55 -7.70 27.64
N GLU A 69 11.72 -6.62 26.89
CA GLU A 69 12.98 -6.45 26.17
C GLU A 69 13.29 -4.96 26.04
N GLU A 70 14.53 -4.60 26.35
CA GLU A 70 15.00 -3.22 26.22
C GLU A 70 15.30 -2.89 24.76
N GLN A 71 15.06 -1.62 24.40
CA GLN A 71 15.37 -1.09 23.09
C GLN A 71 16.46 -0.03 23.21
N TYR A 72 17.06 0.32 22.07
CA TYR A 72 18.12 1.32 22.08
C TYR A 72 17.62 2.66 22.60
N ASN A 73 16.32 2.93 22.50
CA ASN A 73 15.77 4.18 23.03
C ASN A 73 15.57 4.15 24.54
N SER A 74 16.11 3.13 25.22
CA SER A 74 16.06 3.04 26.68
C SER A 74 14.63 2.82 27.18
N THR A 75 13.81 2.12 26.40
CA THR A 75 12.43 1.80 26.76
C THR A 75 12.22 0.30 26.68
N TYR A 76 11.50 -0.26 27.65
CA TYR A 76 11.15 -1.67 27.59
C TYR A 76 10.03 -1.89 26.59
N ARG A 77 9.74 -3.16 26.30
CA ARG A 77 8.66 -3.54 25.40
C ARG A 77 7.95 -4.78 25.92
N VAL A 78 6.67 -4.63 26.28
CA VAL A 78 5.85 -5.71 26.78
C VAL A 78 4.85 -6.10 25.70
N VAL A 79 4.66 -7.40 25.51
CA VAL A 79 3.71 -7.91 24.52
C VAL A 79 2.85 -8.99 25.19
N SER A 80 1.56 -9.00 24.84
CA SER A 80 0.61 -9.99 25.34
C SER A 80 -0.06 -10.65 24.15
N VAL A 81 0.10 -11.96 24.02
CA VAL A 81 -0.41 -12.72 22.89
C VAL A 81 -1.61 -13.54 23.35
N LEU A 82 -2.68 -13.50 22.57
CA LEU A 82 -3.92 -14.23 22.89
C LEU A 82 -4.28 -15.12 21.69
N THR A 83 -4.16 -16.43 21.88
CA THR A 83 -4.62 -17.38 20.86
C THR A 83 -6.14 -17.35 20.78
N VAL A 84 -6.66 -17.44 19.55
CA VAL A 84 -8.09 -17.34 19.29
C VAL A 84 -8.54 -18.54 18.49
N LEU A 85 -9.84 -18.85 18.61
CA LEU A 85 -10.44 -19.90 17.79
C LEU A 85 -10.63 -19.41 16.36
N HIS A 86 -10.40 -20.30 15.39
CA HIS A 86 -10.57 -19.95 13.99
C HIS A 86 -11.92 -19.27 13.75
N GLN A 87 -13.00 -19.92 14.16
CA GLN A 87 -14.33 -19.44 13.81
C GLN A 87 -14.82 -18.30 14.69
N ASP A 88 -14.21 -18.08 15.86
CA ASP A 88 -14.57 -16.92 16.66
C ASP A 88 -14.25 -15.62 15.93
N TRP A 89 -13.04 -15.52 15.39
CA TRP A 89 -12.65 -14.30 14.67
C TRP A 89 -13.45 -14.15 13.39
N LEU A 90 -13.61 -15.23 12.63
CA LEU A 90 -14.33 -15.16 11.36
C LEU A 90 -15.81 -14.84 11.55
N ASN A 91 -16.33 -15.00 12.77
CA ASN A 91 -17.73 -14.67 13.04
C ASN A 91 -17.90 -13.25 13.59
N GLY A 92 -16.82 -12.51 13.74
CA GLY A 92 -16.90 -11.10 14.09
C GLY A 92 -16.70 -10.78 15.56
N LYS A 93 -16.28 -11.74 16.37
CA LYS A 93 -16.11 -11.49 17.79
C LYS A 93 -15.01 -10.44 18.02
N GLU A 94 -15.28 -9.52 18.93
CA GLU A 94 -14.38 -8.40 19.20
C GLU A 94 -13.45 -8.75 20.36
N TYR A 95 -12.18 -8.40 20.21
CA TYR A 95 -11.14 -8.73 21.16
C TYR A 95 -10.57 -7.44 21.76
N LYS A 96 -10.61 -7.33 23.07
CA LYS A 96 -10.21 -6.12 23.79
C LYS A 96 -8.97 -6.38 24.63
N CYS A 97 -8.04 -5.42 24.62
CA CYS A 97 -6.83 -5.47 25.42
C CYS A 97 -6.81 -4.26 26.34
N LYS A 98 -6.79 -4.51 27.65
CA LYS A 98 -6.80 -3.45 28.66
C LYS A 98 -5.44 -3.40 29.34
N VAL A 99 -4.76 -2.27 29.23
CA VAL A 99 -3.41 -2.08 29.77
C VAL A 99 -3.48 -1.07 30.90
N SER A 100 -2.79 -1.38 32.00
CA SER A 100 -2.74 -0.49 33.16
C SER A 100 -1.31 -0.40 33.67
N ASN A 101 -0.93 0.80 34.11
CA ASN A 101 0.43 1.05 34.61
C ASN A 101 0.41 2.37 35.39
N LYS A 102 1.36 2.49 36.33
CA LYS A 102 1.42 3.72 37.13
C LYS A 102 1.50 4.96 36.26
N ALA A 103 2.28 4.90 35.18
CA ALA A 103 2.46 6.07 34.33
C ALA A 103 1.19 6.52 33.64
N LEU A 104 0.11 5.75 33.75
CA LEU A 104 -1.17 6.09 33.13
C LEU A 104 -2.16 6.58 34.18
N PRO A 105 -2.90 7.67 33.92
CA PRO A 105 -3.96 8.05 34.87
C PRO A 105 -5.07 7.01 34.92
N ALA A 106 -5.59 6.62 33.76
CA ALA A 106 -6.55 5.53 33.65
C ALA A 106 -6.01 4.48 32.67
N PRO A 107 -6.41 3.22 32.81
CA PRO A 107 -5.91 2.19 31.89
C PRO A 107 -6.32 2.49 30.45
N ILE A 108 -5.50 2.02 29.52
CA ILE A 108 -5.77 2.15 28.09
C ILE A 108 -6.44 0.87 27.62
N GLU A 109 -7.63 1.01 27.04
CA GLU A 109 -8.36 -0.11 26.47
C GLU A 109 -8.40 0.02 24.96
N LYS A 110 -8.09 -1.06 24.26
CA LYS A 110 -8.14 -1.11 22.81
C LYS A 110 -8.90 -2.36 22.38
N THR A 111 -9.57 -2.26 21.23
CA THR A 111 -10.36 -3.36 20.70
C THR A 111 -10.07 -3.54 19.23
N ILE A 112 -10.15 -4.80 18.77
CA ILE A 112 -9.95 -5.12 17.37
C ILE A 112 -10.87 -6.27 17.00
N SER A 113 -11.37 -6.24 15.77
CA SER A 113 -12.25 -7.29 15.26
C SER A 113 -12.14 -7.32 13.75
N LYS A 114 -12.78 -8.32 13.14
CA LYS A 114 -12.77 -8.43 11.70
C LYS A 114 -13.62 -7.34 11.08
N ALA A 115 -13.24 -6.92 9.87
CA ALA A 115 -13.97 -5.89 9.16
C ALA A 115 -15.40 -6.37 8.86
N LYS A 116 -16.36 -5.49 9.09
CA LYS A 116 -17.77 -5.83 8.93
C LYS A 116 -18.21 -5.68 7.48
N GLY A 117 -19.19 -6.49 7.10
CA GLY A 117 -19.68 -6.51 5.74
C GLY A 117 -19.76 -7.93 5.21
N GLN A 118 -20.80 -8.23 4.45
CA GLN A 118 -20.95 -9.55 3.87
C GLN A 118 -19.72 -9.89 3.06
N PRO A 119 -19.02 -11.00 3.34
CA PRO A 119 -17.84 -11.33 2.54
C PRO A 119 -18.20 -11.58 1.08
N ARG A 120 -17.21 -11.38 0.22
CA ARG A 120 -17.36 -11.58 -1.22
C ARG A 120 -16.20 -12.43 -1.73
N GLU A 121 -16.51 -13.31 -2.68
CA GLU A 121 -15.57 -14.33 -3.13
C GLU A 121 -14.61 -13.75 -4.17
N PRO A 122 -13.30 -14.00 -4.05
CA PRO A 122 -12.38 -13.54 -5.10
C PRO A 122 -12.43 -14.41 -6.35
N GLN A 123 -12.13 -13.78 -7.48
CA GLN A 123 -11.90 -14.44 -8.75
CA GLN A 123 -11.90 -14.46 -8.74
C GLN A 123 -10.40 -14.42 -9.02
N VAL A 124 -9.84 -15.55 -9.44
CA VAL A 124 -8.42 -15.70 -9.65
C VAL A 124 -8.16 -15.92 -11.14
N TYR A 125 -7.25 -15.14 -11.72
CA TYR A 125 -6.89 -15.26 -13.13
C TYR A 125 -5.38 -15.19 -13.27
N THR A 126 -4.79 -16.18 -13.95
CA THR A 126 -3.36 -16.19 -14.24
C THR A 126 -3.13 -15.69 -15.66
N LEU A 127 -2.14 -14.80 -15.82
CA LEU A 127 -1.81 -14.21 -17.10
C LEU A 127 -0.36 -14.54 -17.45
N PRO A 128 -0.10 -15.08 -18.64
CA PRO A 128 1.29 -15.40 -19.01
C PRO A 128 2.12 -14.15 -19.18
N PRO A 129 3.43 -14.28 -19.35
CA PRO A 129 4.28 -13.11 -19.55
C PRO A 129 4.05 -12.49 -20.92
N SER A 130 4.22 -11.17 -20.98
CA SER A 130 4.11 -10.45 -22.24
C SER A 130 5.18 -10.91 -23.22
N ARG A 131 4.81 -10.95 -24.50
CA ARG A 131 5.74 -11.36 -25.54
C ARG A 131 7.00 -10.48 -25.54
N ASP A 132 6.87 -9.20 -25.19
CA ASP A 132 8.00 -8.30 -25.19
C ASP A 132 8.97 -8.56 -24.03
N GLU A 133 8.57 -9.31 -23.03
CA GLU A 133 9.43 -9.59 -21.87
C GLU A 133 10.37 -10.76 -22.10
N LEU A 134 10.15 -11.55 -23.15
CA LEU A 134 11.04 -12.68 -23.41
C LEU A 134 12.41 -12.24 -23.89
N ARG A 135 12.52 -11.02 -24.43
CA ARG A 135 13.83 -10.45 -24.73
C ARG A 135 14.75 -10.54 -23.51
N PHE A 136 14.19 -10.44 -22.31
CA PHE A 136 14.93 -10.61 -21.08
C PHE A 136 14.96 -12.09 -20.71
N TYR A 137 15.78 -12.41 -19.71
CA TYR A 137 15.90 -13.79 -19.26
C TYR A 137 14.91 -14.10 -18.14
N GLN A 138 14.73 -13.16 -17.20
CA GLN A 138 13.72 -13.28 -16.17
C GLN A 138 12.41 -12.74 -16.71
N VAL A 139 11.38 -13.58 -16.75
CA VAL A 139 10.05 -13.20 -17.20
C VAL A 139 9.09 -13.26 -16.02
N SER A 140 7.94 -12.61 -16.18
CA SER A 140 6.99 -12.38 -15.08
C SER A 140 5.71 -13.16 -15.34
N LEU A 141 5.34 -14.02 -14.39
CA LEU A 141 4.03 -14.63 -14.35
C LEU A 141 3.16 -13.86 -13.37
N THR A 142 1.91 -13.61 -13.77
CA THR A 142 1.04 -12.71 -13.03
C THR A 142 -0.21 -13.45 -12.56
N CYS A 143 -0.64 -13.11 -11.35
CA CYS A 143 -1.86 -13.65 -10.77
C CYS A 143 -2.75 -12.50 -10.34
N LEU A 144 -3.92 -12.38 -10.96
CA LEU A 144 -4.89 -11.36 -10.62
C LEU A 144 -5.92 -11.97 -9.66
N VAL A 145 -6.10 -11.34 -8.52
CA VAL A 145 -7.15 -11.69 -7.55
C VAL A 145 -8.02 -10.46 -7.36
N LYS A 146 -9.28 -10.56 -7.76
CA LYS A 146 -10.17 -9.41 -7.72
C LYS A 146 -11.51 -9.78 -7.10
N GLY A 147 -12.19 -8.76 -6.61
CA GLY A 147 -13.58 -8.91 -6.18
C GLY A 147 -13.79 -9.52 -4.81
N PHE A 148 -12.84 -9.40 -3.88
CA PHE A 148 -12.99 -10.01 -2.57
C PHE A 148 -13.18 -8.98 -1.47
N TYR A 149 -13.89 -9.41 -0.42
CA TYR A 149 -14.11 -8.61 0.76
C TYR A 149 -14.31 -9.58 1.91
N PRO A 150 -13.71 -9.32 3.08
CA PRO A 150 -12.77 -8.24 3.40
C PRO A 150 -11.41 -8.41 2.74
N SER A 151 -10.48 -7.49 3.02
CA SER A 151 -9.19 -7.51 2.35
C SER A 151 -8.20 -8.49 2.97
N ASP A 152 -8.59 -9.19 4.03
CA ASP A 152 -7.73 -10.24 4.58
C ASP A 152 -7.63 -11.39 3.59
N ILE A 153 -6.42 -11.65 3.10
CA ILE A 153 -6.21 -12.65 2.06
C ILE A 153 -4.75 -13.10 2.13
N ALA A 154 -4.47 -14.31 1.66
CA ALA A 154 -3.12 -14.82 1.57
C ALA A 154 -2.89 -15.42 0.19
N VAL A 155 -1.71 -15.15 -0.39
CA VAL A 155 -1.40 -15.57 -1.75
C VAL A 155 -0.01 -16.20 -1.77
N GLU A 156 0.12 -17.31 -2.48
CA GLU A 156 1.39 -18.00 -2.65
C GLU A 156 1.43 -18.63 -4.04
N TRP A 157 2.64 -18.98 -4.47
CA TRP A 157 2.86 -19.64 -5.76
C TRP A 157 3.43 -21.03 -5.54
N GLU A 158 3.06 -21.96 -6.43
CA GLU A 158 3.57 -23.32 -6.42
C GLU A 158 4.07 -23.69 -7.81
N SER A 159 4.93 -24.72 -7.86
CA SER A 159 5.46 -25.21 -9.11
C SER A 159 5.56 -26.73 -9.07
N ASN A 160 5.57 -27.33 -10.25
CA ASN A 160 5.96 -28.74 -10.39
C ASN A 160 7.39 -28.87 -10.88
N GLY A 161 8.21 -27.84 -10.66
CA GLY A 161 9.61 -27.87 -11.07
C GLY A 161 10.48 -28.41 -9.94
N GLN A 162 11.35 -29.36 -10.30
CA GLN A 162 12.28 -29.95 -9.35
C GLN A 162 13.23 -28.88 -8.85
N PRO A 163 14.07 -29.16 -7.85
CA PRO A 163 15.04 -28.16 -7.40
C PRO A 163 16.17 -27.90 -8.40
N ASP A 164 16.35 -28.75 -9.41
CA ASP A 164 17.41 -28.52 -10.38
C ASP A 164 17.14 -27.26 -11.20
N ILE A 165 15.87 -26.99 -11.50
CA ILE A 165 15.49 -25.73 -12.14
C ILE A 165 15.39 -24.60 -11.11
N PHE A 166 14.97 -24.92 -9.89
CA PHE A 166 14.79 -23.94 -8.82
C PHE A 166 15.54 -24.41 -7.59
N PRO A 167 16.88 -24.30 -7.58
CA PRO A 167 17.61 -24.71 -6.35
C PRO A 167 17.18 -23.93 -5.13
N ASN A 168 17.14 -22.60 -5.23
CA ASN A 168 16.39 -21.80 -4.27
C ASN A 168 14.92 -21.78 -4.70
N GLY A 169 14.05 -21.38 -3.77
CA GLY A 169 12.62 -21.48 -3.99
C GLY A 169 12.11 -20.61 -5.13
N LEU A 170 10.81 -20.33 -5.10
CA LEU A 170 10.21 -19.41 -6.05
C LEU A 170 10.35 -17.97 -5.58
N ASN A 171 10.60 -17.06 -6.53
CA ASN A 171 10.71 -15.65 -6.22
C ASN A 171 9.42 -14.96 -6.65
N TYR A 172 8.64 -14.49 -5.68
CA TYR A 172 7.40 -13.80 -6.00
C TYR A 172 7.13 -12.72 -4.98
N LYS A 173 6.42 -11.69 -5.42
CA LYS A 173 6.03 -10.57 -4.57
C LYS A 173 4.57 -10.26 -4.87
N THR A 174 3.84 -9.87 -3.83
CA THR A 174 2.41 -9.63 -3.94
C THR A 174 2.08 -8.22 -3.48
N THR A 175 1.25 -7.52 -4.26
CA THR A 175 0.88 -6.17 -3.90
C THR A 175 -0.06 -6.19 -2.70
N PRO A 176 -0.22 -5.06 -2.01
CA PRO A 176 -1.26 -4.98 -0.99
C PRO A 176 -2.64 -4.92 -1.64
N PRO A 177 -3.70 -5.16 -0.88
CA PRO A 177 -5.05 -5.02 -1.46
C PRO A 177 -5.34 -3.57 -1.84
N VAL A 178 -6.04 -3.39 -2.95
CA VAL A 178 -6.44 -2.08 -3.44
C VAL A 178 -7.95 -2.04 -3.56
N LEU A 179 -8.57 -1.05 -2.93
CA LEU A 179 -10.01 -0.88 -3.02
C LEU A 179 -10.43 -0.63 -4.46
N ASP A 180 -11.35 -1.45 -4.96
CA ASP A 180 -11.83 -1.35 -6.32
C ASP A 180 -13.08 -0.47 -6.36
N SER A 181 -13.52 -0.14 -7.57
CA SER A 181 -14.63 0.80 -7.75
C SER A 181 -15.99 0.19 -7.41
N ASP A 182 -16.05 -1.06 -6.98
CA ASP A 182 -17.31 -1.68 -6.55
C ASP A 182 -17.29 -2.02 -5.06
N GLY A 183 -16.46 -1.34 -4.27
CA GLY A 183 -16.35 -1.61 -2.85
C GLY A 183 -15.54 -2.83 -2.50
N SER A 184 -15.17 -3.65 -3.48
CA SER A 184 -14.36 -4.83 -3.27
C SER A 184 -12.88 -4.50 -3.43
N PHE A 185 -12.03 -5.48 -3.20
CA PHE A 185 -10.58 -5.32 -3.31
C PHE A 185 -10.01 -6.22 -4.39
N PHE A 186 -8.86 -5.81 -4.90
CA PHE A 186 -8.09 -6.65 -5.79
C PHE A 186 -6.61 -6.54 -5.42
N LEU A 187 -5.81 -7.42 -6.00
CA LEU A 187 -4.37 -7.35 -5.88
C LEU A 187 -3.75 -8.12 -7.04
N TYR A 188 -2.44 -7.97 -7.17
CA TYR A 188 -1.64 -8.70 -8.13
C TYR A 188 -0.46 -9.34 -7.41
N SER A 189 -0.07 -10.53 -7.87
CA SER A 189 1.14 -11.19 -7.38
C SER A 189 2.00 -11.52 -8.59
N LYS A 190 3.30 -11.22 -8.49
CA LYS A 190 4.22 -11.44 -9.60
C LYS A 190 5.22 -12.52 -9.22
N LEU A 191 5.34 -13.53 -10.08
CA LEU A 191 6.32 -14.59 -9.93
C LEU A 191 7.35 -14.44 -11.06
N THR A 192 8.62 -14.33 -10.67
CA THR A 192 9.72 -14.20 -11.62
C THR A 192 10.40 -15.55 -11.79
N VAL A 193 10.48 -16.02 -13.02
CA VAL A 193 11.10 -17.31 -13.32
C VAL A 193 12.03 -17.19 -14.51
N PRO A 194 13.06 -18.02 -14.63
CA PRO A 194 13.87 -18.01 -15.85
C PRO A 194 13.04 -18.46 -17.04
N TYR A 195 13.37 -17.91 -18.20
CA TYR A 195 12.61 -18.25 -19.41
C TYR A 195 12.71 -19.72 -19.77
N PRO A 196 13.86 -20.39 -19.67
CA PRO A 196 13.89 -21.82 -19.97
C PRO A 196 12.88 -22.63 -19.17
N SER A 197 12.63 -22.24 -17.91
CA SER A 197 11.66 -22.98 -17.10
C SER A 197 10.25 -22.79 -17.64
N TRP A 198 9.94 -21.58 -18.14
CA TRP A 198 8.63 -21.35 -18.74
C TRP A 198 8.46 -22.16 -20.01
N LEU A 199 9.52 -22.27 -20.81
CA LEU A 199 9.42 -22.89 -22.12
C LEU A 199 9.36 -24.41 -22.08
N MET A 200 9.87 -25.03 -21.01
CA MET A 200 9.90 -26.47 -20.89
C MET A 200 8.60 -27.05 -20.34
N GLY A 201 7.53 -26.26 -20.25
CA GLY A 201 6.25 -26.77 -19.84
C GLY A 201 6.03 -26.81 -18.34
N THR A 202 6.89 -26.20 -17.54
CA THR A 202 6.68 -26.17 -16.11
C THR A 202 5.29 -25.65 -15.77
N ARG A 203 4.64 -26.30 -14.81
CA ARG A 203 3.31 -25.93 -14.36
C ARG A 203 3.42 -25.09 -13.10
N PHE A 204 2.89 -23.88 -13.16
CA PHE A 204 2.87 -22.97 -12.03
C PHE A 204 1.43 -22.79 -11.54
N SER A 205 1.31 -22.43 -10.27
CA SER A 205 0.02 -22.43 -9.61
C SER A 205 -0.07 -21.25 -8.66
N CYS A 206 -1.15 -20.49 -8.78
CA CYS A 206 -1.43 -19.37 -7.89
C CYS A 206 -2.47 -19.80 -6.87
N SER A 207 -2.13 -19.74 -5.59
CA SER A 207 -2.98 -20.23 -4.50
C SER A 207 -3.43 -19.08 -3.63
N VAL A 208 -4.73 -19.02 -3.35
CA VAL A 208 -5.36 -17.90 -2.66
C VAL A 208 -6.21 -18.43 -1.52
N MET A 209 -5.96 -17.92 -0.31
CA MET A 209 -6.74 -18.28 0.87
C MET A 209 -7.58 -17.07 1.27
N HIS A 210 -8.90 -17.26 1.31
CA HIS A 210 -9.81 -16.19 1.67
C HIS A 210 -11.06 -16.77 2.31
N GLU A 211 -11.57 -16.07 3.32
CA GLU A 211 -12.79 -16.47 4.01
C GLU A 211 -13.90 -16.91 3.06
N ALA A 212 -14.24 -16.03 2.11
CA ALA A 212 -15.36 -16.25 1.19
C ALA A 212 -15.14 -17.39 0.21
N LEU A 213 -13.97 -18.02 0.18
CA LEU A 213 -13.77 -19.16 -0.69
C LEU A 213 -14.26 -20.44 -0.02
N HIS A 214 -14.75 -21.37 -0.83
CA HIS A 214 -15.12 -22.68 -0.34
C HIS A 214 -13.87 -23.40 0.12
N ASN A 215 -13.92 -23.98 1.33
CA ASN A 215 -12.74 -24.50 2.00
C ASN A 215 -11.67 -23.42 2.19
N HIS A 216 -12.06 -22.14 2.09
CA HIS A 216 -11.17 -21.01 2.29
C HIS A 216 -9.98 -21.03 1.34
N TYR A 217 -10.07 -21.76 0.23
CA TYR A 217 -8.90 -21.98 -0.62
C TYR A 217 -9.32 -22.17 -2.07
N THR A 218 -8.50 -21.62 -2.98
CA THR A 218 -8.64 -21.88 -4.41
C THR A 218 -7.26 -21.78 -5.04
N GLN A 219 -7.12 -22.45 -6.18
CA GLN A 219 -5.82 -22.59 -6.82
C GLN A 219 -6.01 -22.49 -8.33
N LYS A 220 -5.20 -21.67 -8.98
CA LYS A 220 -5.32 -21.40 -10.41
C LYS A 220 -3.99 -21.68 -11.09
N SER A 221 -4.03 -22.41 -12.19
CA SER A 221 -2.82 -22.88 -12.85
C SER A 221 -2.40 -21.94 -13.98
N LEU A 222 -1.18 -22.14 -14.45
CA LEU A 222 -0.62 -21.32 -15.52
C LEU A 222 0.56 -22.05 -16.14
N SER A 223 0.52 -22.26 -17.45
CA SER A 223 1.67 -22.82 -18.15
C SER A 223 1.46 -22.63 -19.64
N LEU A 224 2.50 -22.93 -20.41
CA LEU A 224 2.49 -22.68 -21.85
C LEU A 224 1.53 -23.63 -22.57
N GLY B 12 3.39 19.81 24.14
CA GLY B 12 3.83 20.81 23.20
C GLY B 12 2.70 21.68 22.68
N GLY B 13 2.55 21.71 21.37
CA GLY B 13 1.54 22.55 20.73
C GLY B 13 1.09 21.99 19.39
N PRO B 14 1.02 22.84 18.37
CA PRO B 14 0.56 22.35 17.06
C PRO B 14 1.60 21.47 16.38
N SER B 15 1.12 20.69 15.41
CA SER B 15 1.95 19.74 14.69
C SER B 15 2.08 20.13 13.22
N VAL B 16 3.25 19.81 12.65
CA VAL B 16 3.59 20.20 11.28
C VAL B 16 3.80 18.95 10.44
N PHE B 17 3.37 19.01 9.19
CA PHE B 17 3.56 17.91 8.24
C PHE B 17 3.90 18.48 6.87
N LEU B 18 4.93 17.91 6.23
CA LEU B 18 5.45 18.43 4.98
C LEU B 18 5.40 17.33 3.92
N PHE B 19 4.77 17.65 2.79
CA PHE B 19 4.49 16.64 1.76
C PHE B 19 5.24 16.95 0.47
N PRO B 20 5.63 15.94 -0.28
CA PRO B 20 6.38 16.17 -1.52
C PRO B 20 5.44 16.44 -2.68
N PRO B 21 5.95 16.92 -3.80
CA PRO B 21 5.09 17.16 -4.96
C PRO B 21 4.58 15.85 -5.54
N LYS B 22 3.43 15.92 -6.19
CA LYS B 22 2.90 14.78 -6.91
C LYS B 22 3.93 14.31 -7.93
N PRO B 23 4.18 13.00 -8.06
CA PRO B 23 5.14 12.56 -9.09
C PRO B 23 4.82 13.07 -10.48
N LYS B 24 3.54 13.08 -10.87
CA LYS B 24 3.17 13.57 -12.19
C LYS B 24 3.51 15.04 -12.36
N ASP B 25 3.38 15.84 -11.29
CA ASP B 25 3.60 17.27 -11.39
C ASP B 25 5.06 17.59 -11.68
N THR B 26 6.00 16.81 -11.13
CA THR B 26 7.41 17.06 -11.37
C THR B 26 7.88 16.51 -12.70
N LEU B 27 7.04 15.75 -13.41
CA LEU B 27 7.46 15.10 -14.64
C LEU B 27 6.88 15.75 -15.89
N MET B 28 5.69 16.36 -15.80
CA MET B 28 5.08 17.02 -16.93
C MET B 28 5.41 18.51 -16.94
N ILE B 29 5.75 19.03 -18.13
CA ILE B 29 6.07 20.44 -18.27
C ILE B 29 4.83 21.29 -18.03
N SER B 30 3.67 20.81 -18.49
CA SER B 30 2.45 21.60 -18.40
C SER B 30 2.05 21.85 -16.95
N ARG B 31 2.40 20.96 -16.04
CA ARG B 31 1.96 21.05 -14.66
C ARG B 31 2.99 21.79 -13.81
N THR B 32 2.60 22.11 -12.58
CA THR B 32 3.47 22.86 -11.66
C THR B 32 3.56 22.10 -10.35
N PRO B 33 4.72 21.56 -9.97
CA PRO B 33 4.81 20.86 -8.70
C PRO B 33 4.85 21.83 -7.52
N GLU B 34 4.57 21.28 -6.35
CA GLU B 34 4.49 22.07 -5.13
C GLU B 34 4.86 21.21 -3.93
N VAL B 35 5.54 21.82 -2.98
CA VAL B 35 5.74 21.24 -1.66
C VAL B 35 4.71 21.88 -0.75
N THR B 36 4.06 21.07 0.09
CA THR B 36 2.93 21.52 0.89
C THR B 36 3.27 21.32 2.36
N CYS B 37 3.20 22.41 3.13
CA CYS B 37 3.52 22.40 4.55
C CYS B 37 2.24 22.68 5.33
N VAL B 38 1.72 21.65 5.99
CA VAL B 38 0.43 21.71 6.68
C VAL B 38 0.68 21.89 8.17
N VAL B 39 -0.20 22.66 8.82
CA VAL B 39 -0.15 22.89 10.26
C VAL B 39 -1.51 22.53 10.85
N VAL B 40 -1.52 21.61 11.80
CA VAL B 40 -2.74 21.22 12.50
C VAL B 40 -2.56 21.52 13.98
N ASP B 41 -3.60 21.28 14.78
CA ASP B 41 -3.53 21.47 16.23
C ASP B 41 -3.15 22.91 16.58
N VAL B 42 -3.72 23.86 15.84
CA VAL B 42 -3.49 25.28 16.09
C VAL B 42 -4.64 25.82 16.93
N SER B 43 -4.31 26.63 17.92
CA SER B 43 -5.29 27.04 18.92
C SER B 43 -6.11 28.23 18.44
N HIS B 44 -7.28 28.41 19.07
CA HIS B 44 -8.07 29.62 18.85
C HIS B 44 -7.42 30.82 19.55
N GLU B 45 -6.86 30.59 20.75
CA GLU B 45 -6.25 31.69 21.49
C GLU B 45 -5.07 32.29 20.74
N ASP B 46 -4.37 31.48 19.95
CA ASP B 46 -3.20 31.93 19.18
C ASP B 46 -3.27 31.36 17.78
N PRO B 47 -4.09 31.96 16.89
CA PRO B 47 -4.19 31.48 15.52
C PRO B 47 -3.18 32.11 14.58
N GLU B 48 -2.03 32.53 15.12
CA GLU B 48 -1.00 33.24 14.37
C GLU B 48 0.08 32.24 13.96
N VAL B 49 0.35 32.16 12.66
CA VAL B 49 1.32 31.21 12.12
C VAL B 49 2.24 31.94 11.16
N LYS B 50 3.51 31.53 11.14
CA LYS B 50 4.51 32.07 10.23
C LYS B 50 5.18 30.92 9.50
N PHE B 51 5.67 31.21 8.29
CA PHE B 51 6.38 30.25 7.47
C PHE B 51 7.65 30.89 6.94
N ASN B 52 8.70 30.08 6.81
CA ASN B 52 9.96 30.52 6.20
C ASN B 52 10.50 29.35 5.38
N TRP B 53 10.64 29.55 4.08
CA TRP B 53 11.03 28.47 3.17
C TRP B 53 12.49 28.60 2.77
N TYR B 54 13.18 27.47 2.70
CA TYR B 54 14.60 27.44 2.36
C TYR B 54 14.86 26.30 1.40
N VAL B 55 15.41 26.62 0.23
CA VAL B 55 15.84 25.63 -0.74
C VAL B 55 17.34 25.46 -0.55
N ASP B 56 17.74 24.36 0.10
CA ASP B 56 19.14 24.09 0.40
C ASP B 56 19.77 25.22 1.19
N GLY B 57 19.06 25.66 2.23
CA GLY B 57 19.58 26.68 3.12
C GLY B 57 19.53 28.10 2.58
N VAL B 58 18.76 28.34 1.53
CA VAL B 58 18.62 29.66 0.93
C VAL B 58 17.14 30.04 1.00
N GLU B 59 16.83 31.11 1.73
CA GLU B 59 15.44 31.49 1.95
C GLU B 59 14.80 31.89 0.62
N VAL B 60 13.48 31.64 0.53
CA VAL B 60 12.69 32.02 -0.63
C VAL B 60 11.37 32.61 -0.14
N HIS B 61 10.83 33.54 -0.92
CA HIS B 61 9.64 34.30 -0.50
C HIS B 61 8.55 34.27 -1.57
N ASN B 62 8.45 33.18 -2.33
CA ASN B 62 7.37 33.03 -3.31
C ASN B 62 6.26 32.11 -2.84
N ALA B 63 6.38 31.53 -1.64
CA ALA B 63 5.34 30.66 -1.12
C ALA B 63 4.03 31.43 -0.95
N LYS B 64 2.95 30.70 -0.77
CA LYS B 64 1.61 31.27 -0.66
C LYS B 64 0.82 30.50 0.37
N THR B 65 0.24 31.23 1.33
CA THR B 65 -0.54 30.64 2.40
C THR B 65 -2.03 30.73 2.09
N LYS B 66 -2.72 29.60 2.17
CA LYS B 66 -4.14 29.57 1.93
C LYS B 66 -4.90 29.91 3.20
N PRO B 67 -6.15 30.36 3.09
CA PRO B 67 -6.93 30.69 4.29
C PRO B 67 -7.05 29.49 5.21
N ARG B 68 -7.16 29.78 6.50
CA ARG B 68 -7.36 28.72 7.49
C ARG B 68 -8.78 28.16 7.39
N GLU B 69 -8.92 26.89 7.76
CA GLU B 69 -10.19 26.18 7.70
C GLU B 69 -10.48 25.52 9.04
N GLU B 70 -11.70 25.71 9.53
CA GLU B 70 -12.14 25.14 10.79
C GLU B 70 -12.40 23.65 10.63
N GLN B 71 -12.11 22.90 11.69
CA GLN B 71 -12.32 21.47 11.71
C GLN B 71 -13.41 21.11 12.71
N TYR B 72 -13.90 19.87 12.62
CA TYR B 72 -14.90 19.40 13.57
C TYR B 72 -14.37 19.47 15.00
N ASN B 73 -13.09 19.15 15.19
CA ASN B 73 -12.50 19.21 16.53
C ASN B 73 -12.20 20.64 16.97
N SER B 74 -12.72 21.65 16.28
CA SER B 74 -12.59 23.05 16.68
C SER B 74 -11.16 23.54 16.58
N THR B 75 -10.42 23.06 15.59
CA THR B 75 -9.04 23.45 15.34
C THR B 75 -8.94 23.98 13.91
N TYR B 76 -8.21 25.08 13.74
CA TYR B 76 -7.93 25.57 12.40
C TYR B 76 -6.85 24.72 11.75
N ARG B 77 -6.67 24.91 10.44
CA ARG B 77 -5.61 24.21 9.72
C ARG B 77 -5.05 25.18 8.70
N VAL B 78 -3.78 25.54 8.85
CA VAL B 78 -3.11 26.48 7.96
C VAL B 78 -2.20 25.69 7.03
N VAL B 79 -2.18 26.09 5.76
CA VAL B 79 -1.39 25.43 4.74
C VAL B 79 -0.55 26.46 4.02
N SER B 80 0.70 26.09 3.72
CA SER B 80 1.63 26.94 2.99
C SER B 80 2.15 26.16 1.81
N VAL B 81 1.89 26.65 0.60
CA VAL B 81 2.25 25.96 -0.63
C VAL B 81 3.41 26.69 -1.28
N LEU B 82 4.42 25.93 -1.69
CA LEU B 82 5.60 26.47 -2.36
C LEU B 82 5.76 25.76 -3.70
N THR B 83 5.54 26.49 -4.78
CA THR B 83 5.82 25.96 -6.11
C THR B 83 7.32 25.80 -6.27
N VAL B 84 7.73 24.71 -6.91
CA VAL B 84 9.14 24.37 -7.08
C VAL B 84 9.41 24.16 -8.56
N LEU B 85 10.67 24.38 -8.95
CA LEU B 85 11.05 24.11 -10.32
C LEU B 85 11.15 22.60 -10.54
N HIS B 86 10.70 22.14 -11.71
CA HIS B 86 10.73 20.73 -12.03
C HIS B 86 12.11 20.14 -11.75
N GLN B 87 13.15 20.73 -12.31
CA GLN B 87 14.48 20.12 -12.25
C GLN B 87 15.17 20.36 -10.91
N ASP B 88 14.71 21.32 -10.11
CA ASP B 88 15.25 21.50 -8.77
C ASP B 88 14.96 20.27 -7.90
N TRP B 89 13.71 19.81 -7.92
CA TRP B 89 13.36 18.62 -7.14
C TRP B 89 14.03 17.37 -7.69
N LEU B 90 14.00 17.20 -9.01
CA LEU B 90 14.58 16.00 -9.61
C LEU B 90 16.10 15.92 -9.41
N ASN B 91 16.75 17.03 -9.12
CA ASN B 91 18.19 17.04 -8.87
C ASN B 91 18.55 16.88 -7.41
N GLY B 92 17.57 16.75 -6.52
CA GLY B 92 17.81 16.44 -5.14
C GLY B 92 17.82 17.60 -4.18
N LYS B 93 17.42 18.80 -4.60
CA LYS B 93 17.43 19.94 -3.71
C LYS B 93 16.46 19.71 -2.55
N GLU B 94 16.90 20.07 -1.35
CA GLU B 94 16.12 19.84 -0.14
C GLU B 94 15.30 21.09 0.18
N TYR B 95 14.05 20.88 0.57
CA TYR B 95 13.09 21.95 0.81
C TYR B 95 12.72 21.95 2.28
N LYS B 96 12.90 23.08 2.94
CA LYS B 96 12.68 23.21 4.37
C LYS B 96 11.50 24.14 4.66
N CYS B 97 10.66 23.76 5.61
CA CYS B 97 9.54 24.58 6.05
C CYS B 97 9.69 24.84 7.54
N LYS B 98 9.82 26.12 7.90
CA LYS B 98 10.00 26.55 9.28
C LYS B 98 8.73 27.20 9.78
N VAL B 99 8.12 26.62 10.81
CA VAL B 99 6.85 27.09 11.36
C VAL B 99 7.09 27.64 12.75
N SER B 100 6.50 28.80 13.02
CA SER B 100 6.61 29.43 14.32
C SER B 100 5.24 29.93 14.76
N ASN B 101 4.97 29.83 16.06
CA ASN B 101 3.69 30.23 16.62
C ASN B 101 3.87 30.43 18.11
N LYS B 102 3.02 31.28 18.68
CA LYS B 102 3.13 31.60 20.11
C LYS B 102 3.11 30.33 20.96
N ALA B 103 2.23 29.39 20.61
CA ALA B 103 2.08 28.15 21.36
C ALA B 103 3.31 27.25 21.28
N LEU B 104 4.34 27.61 20.46
CA LEU B 104 5.53 26.77 20.35
C LEU B 104 6.70 27.41 21.10
N PRO B 105 7.48 26.63 21.87
CA PRO B 105 8.68 27.24 22.49
C PRO B 105 9.70 27.69 21.46
N ALA B 106 10.08 26.81 20.55
CA ALA B 106 10.92 27.14 19.42
C ALA B 106 10.22 26.74 18.13
N PRO B 107 10.54 27.39 17.01
CA PRO B 107 9.87 27.04 15.75
C PRO B 107 10.15 25.59 15.36
N ILE B 108 9.21 25.02 14.61
CA ILE B 108 9.32 23.66 14.08
C ILE B 108 9.83 23.74 12.65
N GLU B 109 10.96 23.08 12.38
CA GLU B 109 11.53 23.02 11.05
C GLU B 109 11.43 21.60 10.51
N LYS B 110 10.97 21.49 9.26
CA LYS B 110 10.89 20.20 8.57
C LYS B 110 11.51 20.34 7.20
N THR B 111 12.06 19.24 6.70
CA THR B 111 12.71 19.20 5.40
C THR B 111 12.26 17.96 4.64
N ILE B 112 12.20 18.08 3.31
CA ILE B 112 11.83 16.98 2.45
C ILE B 112 12.62 17.09 1.15
N SER B 113 12.97 15.95 0.57
CA SER B 113 13.68 15.91 -0.70
C SER B 113 13.39 14.59 -1.40
N LYS B 114 13.88 14.48 -2.63
CA LYS B 114 13.69 13.27 -3.42
C LYS B 114 14.53 12.12 -2.88
N ALA B 115 14.03 10.90 -3.07
CA ALA B 115 14.76 9.72 -2.62
C ALA B 115 16.08 9.58 -3.38
N LYS B 116 17.14 9.26 -2.64
CA LYS B 116 18.48 9.18 -3.19
C LYS B 116 18.74 7.81 -3.80
N GLY B 117 19.62 7.80 -4.81
CA GLY B 117 19.93 6.57 -5.53
C GLY B 117 19.85 6.75 -7.03
N GLN B 118 20.77 6.12 -7.75
CA GLN B 118 20.75 6.22 -9.21
C GLN B 118 19.39 5.77 -9.73
N PRO B 119 18.68 6.61 -10.49
CA PRO B 119 17.37 6.17 -11.00
C PRO B 119 17.53 5.01 -11.97
N ARG B 120 16.45 4.22 -12.08
CA ARG B 120 16.39 3.06 -12.94
C ARG B 120 15.11 3.11 -13.76
N GLU B 121 15.21 2.69 -15.02
CA GLU B 121 14.14 2.86 -16.00
C GLU B 121 13.12 1.73 -15.87
N PRO B 122 11.82 2.02 -15.85
CA PRO B 122 10.83 0.95 -15.80
C PRO B 122 10.65 0.27 -17.14
N GLN B 123 10.18 -0.98 -17.07
CA GLN B 123 9.72 -1.72 -18.23
C GLN B 123 8.20 -1.82 -18.12
N VAL B 124 7.52 -1.58 -19.23
CA VAL B 124 6.06 -1.57 -19.28
C VAL B 124 5.62 -2.72 -20.18
N TYR B 125 4.69 -3.55 -19.66
CA TYR B 125 4.13 -4.66 -20.42
C TYR B 125 2.62 -4.71 -20.21
N THR B 126 1.87 -4.79 -21.32
CA THR B 126 0.43 -4.93 -21.28
C THR B 126 0.03 -6.39 -21.45
N LEU B 127 -0.91 -6.84 -20.63
CA LEU B 127 -1.40 -8.22 -20.66
C LEU B 127 -2.89 -8.23 -20.95
N PRO B 128 -3.36 -8.98 -21.94
CA PRO B 128 -4.79 -9.02 -22.24
C PRO B 128 -5.55 -9.71 -21.11
N PRO B 129 -6.88 -9.67 -21.14
CA PRO B 129 -7.64 -10.34 -20.09
C PRO B 129 -7.54 -11.85 -20.21
N SER B 130 -7.58 -12.52 -19.05
CA SER B 130 -7.58 -13.98 -19.04
C SER B 130 -8.81 -14.52 -19.75
N ARG B 131 -8.64 -15.64 -20.47
CA ARG B 131 -9.74 -16.24 -21.19
C ARG B 131 -10.91 -16.59 -20.27
N ASP B 132 -10.62 -16.99 -19.03
CA ASP B 132 -11.67 -17.35 -18.08
C ASP B 132 -12.46 -16.14 -17.59
N GLU B 133 -11.99 -14.93 -17.82
CA GLU B 133 -12.68 -13.73 -17.38
C GLU B 133 -13.74 -13.27 -18.37
N LEU B 134 -13.75 -13.80 -19.59
CA LEU B 134 -14.75 -13.39 -20.57
C LEU B 134 -16.14 -13.89 -20.20
N ARG B 135 -16.25 -14.95 -19.40
CA ARG B 135 -17.52 -15.34 -18.82
C ARG B 135 -18.28 -14.12 -18.31
N PHE B 136 -17.58 -13.24 -17.60
CA PHE B 136 -18.14 -12.01 -17.09
C PHE B 136 -18.27 -10.99 -18.22
N TYR B 137 -18.96 -9.89 -17.92
CA TYR B 137 -19.12 -8.81 -18.88
C TYR B 137 -18.01 -7.77 -18.73
N GLN B 138 -17.63 -7.46 -17.50
CA GLN B 138 -16.49 -6.61 -17.23
C GLN B 138 -15.22 -7.46 -17.23
N VAL B 139 -14.28 -7.14 -18.13
CA VAL B 139 -12.99 -7.84 -18.21
C VAL B 139 -11.89 -6.86 -17.81
N SER B 140 -10.74 -7.42 -17.46
CA SER B 140 -9.64 -6.68 -16.85
C SER B 140 -8.45 -6.63 -17.80
N LEU B 141 -8.02 -5.43 -18.15
CA LEU B 141 -6.77 -5.22 -18.84
C LEU B 141 -5.70 -4.80 -17.84
N THR B 142 -4.51 -5.36 -17.99
CA THR B 142 -3.45 -5.22 -17.00
C THR B 142 -2.23 -4.56 -17.62
N CYS B 143 -1.60 -3.70 -16.83
CA CYS B 143 -0.35 -3.04 -17.19
C CYS B 143 0.65 -3.31 -16.08
N LEU B 144 1.74 -3.99 -16.43
CA LEU B 144 2.82 -4.24 -15.50
C LEU B 144 3.91 -3.20 -15.73
N VAL B 145 4.30 -2.51 -14.65
CA VAL B 145 5.43 -1.59 -14.65
C VAL B 145 6.41 -2.09 -13.59
N LYS B 146 7.61 -2.50 -14.00
CA LYS B 146 8.56 -3.11 -13.09
C LYS B 146 9.96 -2.53 -13.30
N GLY B 147 10.78 -2.69 -12.25
CA GLY B 147 12.21 -2.41 -12.35
C GLY B 147 12.61 -0.95 -12.28
N PHE B 148 11.81 -0.08 -11.65
CA PHE B 148 12.10 1.34 -11.61
C PHE B 148 12.50 1.80 -10.23
N TYR B 149 13.30 2.86 -10.21
CA TYR B 149 13.73 3.51 -8.98
C TYR B 149 14.00 4.98 -9.30
N PRO B 150 13.58 5.91 -8.43
CA PRO B 150 12.78 5.74 -7.22
C PRO B 150 11.33 5.36 -7.49
N SER B 151 10.54 5.24 -6.42
CA SER B 151 9.17 4.77 -6.55
C SER B 151 8.20 5.86 -6.97
N ASP B 152 8.67 7.09 -7.15
CA ASP B 152 7.82 8.15 -7.67
C ASP B 152 7.49 7.86 -9.13
N ILE B 153 6.21 7.67 -9.43
CA ILE B 153 5.76 7.28 -10.76
C ILE B 153 4.30 7.67 -10.90
N ALA B 154 3.87 7.88 -12.14
CA ALA B 154 2.46 8.15 -12.44
C ALA B 154 2.03 7.26 -13.59
N VAL B 155 0.83 6.70 -13.48
CA VAL B 155 0.31 5.76 -14.47
C VAL B 155 -1.12 6.16 -14.84
N GLU B 156 -1.45 6.07 -16.12
CA GLU B 156 -2.78 6.36 -16.61
C GLU B 156 -3.07 5.45 -17.80
N TRP B 157 -4.35 5.33 -18.13
CA TRP B 157 -4.80 4.56 -19.28
C TRP B 157 -5.44 5.50 -20.28
N GLU B 158 -5.28 5.17 -21.57
CA GLU B 158 -5.89 5.92 -22.66
C GLU B 158 -6.59 4.93 -23.58
N SER B 159 -7.52 5.45 -24.37
CA SER B 159 -8.25 4.65 -25.35
C SER B 159 -8.48 5.48 -26.60
N ASN B 160 -8.75 4.78 -27.71
CA ASN B 160 -9.29 5.40 -28.90
C ASN B 160 -10.81 5.21 -28.99
N GLY B 161 -11.46 4.98 -27.86
CA GLY B 161 -12.90 4.81 -27.83
C GLY B 161 -13.60 6.14 -27.62
N GLN B 162 -14.59 6.40 -28.46
CA GLN B 162 -15.39 7.61 -28.37
C GLN B 162 -16.19 7.61 -27.07
N PRO B 163 -16.89 8.69 -26.76
CA PRO B 163 -17.76 8.68 -25.57
C PRO B 163 -18.99 7.80 -25.71
N ASP B 164 -19.36 7.37 -26.92
CA ASP B 164 -20.52 6.49 -27.06
C ASP B 164 -20.27 5.14 -26.41
N ILE B 165 -19.04 4.62 -26.51
CA ILE B 165 -18.68 3.41 -25.79
C ILE B 165 -18.31 3.73 -24.34
N PHE B 166 -17.71 4.88 -24.10
CA PHE B 166 -17.31 5.30 -22.76
C PHE B 166 -17.89 6.68 -22.47
N PRO B 167 -19.20 6.78 -22.23
CA PRO B 167 -19.76 8.10 -21.87
C PRO B 167 -19.12 8.67 -20.62
N ASN B 168 -19.04 7.87 -19.56
CA ASN B 168 -18.10 8.15 -18.50
C ASN B 168 -16.73 7.64 -18.93
N GLY B 169 -15.69 8.13 -18.26
CA GLY B 169 -14.34 7.85 -18.70
C GLY B 169 -13.92 6.40 -18.64
N LEU B 170 -12.61 6.15 -18.56
CA LEU B 170 -12.07 4.83 -18.32
C LEU B 170 -12.02 4.54 -16.82
N ASN B 171 -12.31 3.29 -16.45
CA ASN B 171 -12.30 2.86 -15.06
C ASN B 171 -11.04 2.05 -14.80
N TYR B 172 -10.12 2.60 -14.01
CA TYR B 172 -8.89 1.89 -13.71
C TYR B 172 -8.41 2.24 -12.31
N LYS B 173 -7.67 1.29 -11.72
CA LYS B 173 -7.06 1.46 -10.41
C LYS B 173 -5.64 0.94 -10.47
N THR B 174 -4.74 1.60 -9.76
CA THR B 174 -3.31 1.29 -9.80
C THR B 174 -2.83 0.96 -8.39
N THR B 175 -2.04 -0.12 -8.28
CA THR B 175 -1.51 -0.50 -6.97
C THR B 175 -0.41 0.46 -6.53
N PRO B 176 -0.09 0.49 -5.24
CA PRO B 176 1.10 1.23 -4.80
C PRO B 176 2.36 0.51 -5.23
N PRO B 177 3.51 1.18 -5.23
CA PRO B 177 4.75 0.49 -5.57
C PRO B 177 5.11 -0.57 -4.52
N VAL B 178 5.64 -1.70 -5.00
CA VAL B 178 6.08 -2.79 -4.14
C VAL B 178 7.56 -3.01 -4.38
N LEU B 179 8.34 -3.00 -3.30
CA LEU B 179 9.77 -3.25 -3.41
C LEU B 179 10.01 -4.66 -3.96
N ASP B 180 10.78 -4.74 -5.03
CA ASP B 180 11.09 -6.01 -5.68
C ASP B 180 12.41 -6.56 -5.13
N SER B 181 12.71 -7.82 -5.50
CA SER B 181 13.86 -8.51 -4.93
C SER B 181 15.19 -8.02 -5.49
N ASP B 182 15.20 -7.02 -6.39
CA ASP B 182 16.44 -6.45 -6.90
C ASP B 182 16.60 -4.99 -6.51
N GLY B 183 15.96 -4.56 -5.42
CA GLY B 183 16.03 -3.19 -4.97
C GLY B 183 15.17 -2.21 -5.73
N SER B 184 14.59 -2.62 -6.88
CA SER B 184 13.72 -1.79 -7.67
C SER B 184 12.26 -2.02 -7.26
N PHE B 185 11.36 -1.26 -7.86
CA PHE B 185 9.94 -1.32 -7.55
C PHE B 185 9.15 -1.77 -8.76
N PHE B 186 7.97 -2.32 -8.50
CA PHE B 186 7.02 -2.62 -9.55
C PHE B 186 5.62 -2.25 -9.06
N LEU B 187 4.68 -2.25 -10.01
CA LEU B 187 3.27 -2.07 -9.67
C LEU B 187 2.44 -2.62 -10.83
N TYR B 188 1.14 -2.71 -10.58
CA TYR B 188 0.16 -3.12 -11.56
C TYR B 188 -0.96 -2.10 -11.60
N SER B 189 -1.50 -1.86 -12.80
CA SER B 189 -2.67 -1.03 -12.97
C SER B 189 -3.70 -1.84 -13.74
N LYS B 190 -4.94 -1.80 -13.26
CA LYS B 190 -6.03 -2.57 -13.83
C LYS B 190 -7.05 -1.63 -14.45
N LEU B 191 -7.37 -1.86 -15.72
CA LEU B 191 -8.40 -1.14 -16.45
C LEU B 191 -9.55 -2.11 -16.69
N THR B 192 -10.76 -1.74 -16.24
CA THR B 192 -11.96 -2.55 -16.41
C THR B 192 -12.79 -1.99 -17.56
N VAL B 193 -13.06 -2.84 -18.56
CA VAL B 193 -13.84 -2.41 -19.72
C VAL B 193 -14.91 -3.44 -20.07
N PRO B 194 -16.01 -3.03 -20.69
CA PRO B 194 -16.98 -4.02 -21.16
C PRO B 194 -16.37 -4.88 -22.25
N TYR B 195 -16.80 -6.14 -22.29
CA TYR B 195 -16.26 -7.07 -23.27
C TYR B 195 -16.52 -6.61 -24.71
N PRO B 196 -17.70 -6.10 -25.06
CA PRO B 196 -17.89 -5.62 -26.44
C PRO B 196 -16.87 -4.58 -26.88
N SER B 197 -16.40 -3.72 -25.97
CA SER B 197 -15.39 -2.75 -26.35
C SER B 197 -14.06 -3.43 -26.64
N TRP B 198 -13.72 -4.47 -25.87
CA TRP B 198 -12.49 -5.22 -26.14
C TRP B 198 -12.58 -5.94 -27.48
N LEU B 199 -13.75 -6.49 -27.80
CA LEU B 199 -13.87 -7.33 -28.99
C LEU B 199 -13.95 -6.52 -30.27
N MET B 200 -14.39 -5.27 -30.22
CA MET B 200 -14.50 -4.46 -31.42
C MET B 200 -13.18 -3.81 -31.82
N GLY B 201 -12.07 -4.22 -31.22
CA GLY B 201 -10.77 -3.74 -31.62
C GLY B 201 -10.33 -2.44 -31.00
N THR B 202 -11.05 -1.93 -29.99
CA THR B 202 -10.62 -0.71 -29.34
C THR B 202 -9.16 -0.83 -28.91
N ARG B 203 -8.39 0.22 -29.15
CA ARG B 203 -6.98 0.26 -28.79
C ARG B 203 -6.82 0.98 -27.46
N PHE B 204 -6.35 0.26 -26.46
CA PHE B 204 -6.07 0.84 -25.15
C PHE B 204 -4.57 1.03 -24.98
N SER B 205 -4.22 1.96 -24.09
CA SER B 205 -2.85 2.42 -23.97
C SER B 205 -2.51 2.68 -22.51
N CYS B 206 -1.40 2.11 -22.07
CA CYS B 206 -0.90 2.30 -20.72
C CYS B 206 0.22 3.33 -20.77
N SER B 207 0.04 4.45 -20.06
CA SER B 207 0.97 5.56 -20.08
C SER B 207 1.62 5.70 -18.72
N VAL B 208 2.96 5.78 -18.73
CA VAL B 208 3.76 5.74 -17.52
C VAL B 208 4.73 6.91 -17.56
N MET B 209 4.74 7.72 -16.51
CA MET B 209 5.63 8.84 -16.36
C MET B 209 6.62 8.55 -15.25
N HIS B 210 7.92 8.59 -15.58
CA HIS B 210 8.96 8.32 -14.60
C HIS B 210 10.22 9.09 -14.95
N GLU B 211 10.91 9.56 -13.91
CA GLU B 211 12.17 10.28 -14.07
C GLU B 211 13.11 9.59 -15.06
N ALA B 212 13.40 8.31 -14.80
CA ALA B 212 14.39 7.56 -15.56
C ALA B 212 13.95 7.26 -16.99
N LEU B 213 12.74 7.61 -17.38
CA LEU B 213 12.32 7.45 -18.77
C LEU B 213 12.76 8.64 -19.60
N HIS B 214 13.07 8.38 -20.87
CA HIS B 214 13.38 9.46 -21.79
C HIS B 214 12.12 10.29 -22.02
N ASN B 215 12.26 11.61 -21.92
CA ASN B 215 11.11 12.51 -21.89
C ASN B 215 10.19 12.23 -20.71
N HIS B 216 10.66 11.48 -19.71
CA HIS B 216 9.88 11.19 -18.52
C HIS B 216 8.56 10.51 -18.83
N TYR B 217 8.44 9.88 -20.01
CA TYR B 217 7.16 9.36 -20.45
C TYR B 217 7.37 8.15 -21.35
N THR B 218 6.49 7.15 -21.21
CA THR B 218 6.45 6.03 -22.14
C THR B 218 5.02 5.53 -22.21
N GLN B 219 4.72 4.83 -23.31
CA GLN B 219 3.36 4.41 -23.62
C GLN B 219 3.38 3.03 -24.24
N LYS B 220 2.53 2.14 -23.74
CA LYS B 220 2.47 0.75 -24.20
C LYS B 220 1.03 0.43 -24.56
N SER B 221 0.82 -0.16 -25.74
CA SER B 221 -0.53 -0.39 -26.24
C SER B 221 -1.01 -1.80 -25.93
N LEU B 222 -2.31 -2.01 -26.14
CA LEU B 222 -2.95 -3.28 -25.88
C LEU B 222 -4.26 -3.35 -26.64
N SER B 223 -4.44 -4.40 -27.43
CA SER B 223 -5.71 -4.61 -28.11
C SER B 223 -5.76 -6.04 -28.62
N LEU B 224 -6.91 -6.42 -29.15
CA LEU B 224 -7.19 -7.77 -29.60
C LEU B 224 -6.38 -8.13 -30.85
#